data_2Y1O
#
_entry.id   2Y1O
#
_cell.length_a   65.844
_cell.length_b   65.844
_cell.length_c   135.747
_cell.angle_alpha   90.00
_cell.angle_beta   90.00
_cell.angle_gamma   90.00
#
_symmetry.space_group_name_H-M   'P 41'
#
loop_
_entity.id
_entity.type
_entity.pdbx_description
1 polymer 'UDP-N-ACETYLMURAMOYLALANINE--D-GLUTAMATE LIGASE'
2 non-polymer '(2R)-2-[[3-[[4-[(Z)-(4-OXO-2-SULFANYLIDENE-1,3-THIAZOLIDIN-5-YLIDENE)METHYL]PHENYL]METHYLAMINO]PHENYL]CARBONYLAMINO]PENTANEDIOIC ACID'
3 non-polymer 'DIMETHYL SULFOXIDE'
4 non-polymer 'SULFATE ION'
5 water water
#
_entity_poly.entity_id   1
_entity_poly.type   'polypeptide(L)'
_entity_poly.pdbx_seq_one_letter_code
;MADYQGKNVVIIGLGLTGLSCVDFFLARGVTPRVMDTRMTPPGLDKLPEAVERHTGSLNDEWLMAADLIVASPGIALAHP
SLSAAADAGIEIVGDIELFCREAQAPIVAITGSNGKSTVTTLVGEMAKAAGVNVGVGGNIGLPALMLLDDECELYVLELS
SFQLETTSSLQAVAATILNVTEDHMDRYPFGLQQYRAA(KCX)LRIYENAKVCVVNADDALTMPIRGADERCVSFGVNMG
DYHLNHQQGETWLRVKGEKVLNVKEMKLSGQHNYTNALAALALADAAGLPRASSLKALTTFTGLPHRFEVVLEHNGVRWI
NDSKATNVGSTEAALNGLHVDGTLHLLLGGDGKSADFSPLARYLNGDNVRLYCFGRDGAQLAALRPEVAEQTETMEQAMR
LLAPRVQPGDMVLLSPACASLDQFKNFEQRGNEFARLAKELGSHHHHHH
;
_entity_poly.pdbx_strand_id   A
#
# COMPACT_ATOMS: atom_id res chain seq x y z
N ALA A 2 -10.72 -23.68 -11.93
CA ALA A 2 -9.67 -24.61 -11.42
C ALA A 2 -10.37 -25.61 -10.49
N ASP A 3 -9.84 -26.82 -10.40
CA ASP A 3 -10.44 -27.85 -9.55
C ASP A 3 -9.41 -28.40 -8.56
N TYR A 4 -9.66 -28.15 -7.28
CA TYR A 4 -8.70 -28.52 -6.24
C TYR A 4 -9.06 -29.85 -5.57
N GLN A 5 -10.14 -30.48 -6.00
CA GLN A 5 -10.59 -31.69 -5.32
C GLN A 5 -9.49 -32.76 -5.31
N GLY A 6 -9.24 -33.35 -4.14
CA GLY A 6 -8.26 -34.44 -4.00
C GLY A 6 -6.79 -34.01 -3.90
N LYS A 7 -6.53 -32.71 -4.02
CA LYS A 7 -5.19 -32.17 -3.93
C LYS A 7 -4.72 -32.03 -2.48
N ASN A 8 -3.40 -32.24 -2.30
CA ASN A 8 -2.72 -31.96 -1.04
CA ASN A 8 -2.76 -31.93 -1.03
C ASN A 8 -2.32 -30.49 -1.08
N VAL A 9 -2.99 -29.67 -0.26
CA VAL A 9 -2.79 -28.21 -0.34
C VAL A 9 -2.10 -27.77 0.96
N VAL A 10 -1.04 -26.96 0.84
CA VAL A 10 -0.39 -26.40 2.04
C VAL A 10 -0.45 -24.87 1.93
N ILE A 11 -0.92 -24.23 2.98
CA ILE A 11 -0.98 -22.76 3.06
C ILE A 11 0.17 -22.30 3.99
N ILE A 12 1.03 -21.40 3.50
CA ILE A 12 2.11 -20.85 4.32
CA ILE A 12 2.12 -20.85 4.31
C ILE A 12 1.73 -19.43 4.71
N GLY A 13 1.61 -19.21 6.00
CA GLY A 13 1.27 -17.88 6.57
C GLY A 13 -0.20 -17.79 6.94
N LEU A 14 -0.47 -17.43 8.17
CA LEU A 14 -1.86 -17.39 8.60
C LEU A 14 -2.31 -15.92 8.54
N GLY A 15 -2.67 -15.32 9.67
CA GLY A 15 -3.32 -13.99 9.67
C GLY A 15 -4.66 -14.02 8.97
N LEU A 16 -5.28 -12.85 8.79
CA LEU A 16 -6.59 -12.79 8.15
C LEU A 16 -6.60 -13.37 6.71
N THR A 17 -5.59 -13.02 5.94
CA THR A 17 -5.47 -13.57 4.58
C THR A 17 -5.31 -15.10 4.55
N GLY A 18 -4.42 -15.63 5.39
CA GLY A 18 -4.21 -17.08 5.43
C GLY A 18 -5.51 -17.77 5.81
N LEU A 19 -6.20 -17.21 6.79
CA LEU A 19 -7.53 -17.70 7.19
C LEU A 19 -8.52 -17.70 6.01
N SER A 20 -8.49 -16.65 5.20
CA SER A 20 -9.37 -16.59 4.02
C SER A 20 -9.05 -17.74 3.05
N CYS A 21 -7.77 -18.06 2.88
CA CYS A 21 -7.37 -19.21 2.06
C CYS A 21 -7.86 -20.54 2.66
N VAL A 22 -7.71 -20.69 3.98
CA VAL A 22 -8.19 -21.92 4.66
C VAL A 22 -9.70 -22.09 4.35
N ASP A 23 -10.45 -21.01 4.53
CA ASP A 23 -11.90 -21.07 4.38
C ASP A 23 -12.28 -21.32 2.91
N PHE A 24 -11.51 -20.77 1.98
CA PHE A 24 -11.73 -20.99 0.54
C PHE A 24 -11.66 -22.46 0.19
N PHE A 25 -10.62 -23.15 0.68
CA PHE A 25 -10.49 -24.56 0.36
C PHE A 25 -11.53 -25.41 1.06
N LEU A 26 -11.76 -25.14 2.34
CA LEU A 26 -12.76 -25.94 3.07
C LEU A 26 -14.15 -25.87 2.38
N ALA A 27 -14.54 -24.68 1.94
CA ALA A 27 -15.84 -24.47 1.28
C ALA A 27 -15.93 -25.26 -0.04
N ARG A 28 -14.79 -25.72 -0.54
CA ARG A 28 -14.67 -26.44 -1.80
C ARG A 28 -14.40 -27.92 -1.55
N GLY A 29 -14.54 -28.33 -0.29
CA GLY A 29 -14.32 -29.71 0.09
C GLY A 29 -12.89 -30.20 0.05
N VAL A 30 -11.94 -29.32 0.35
CA VAL A 30 -10.53 -29.66 0.40
C VAL A 30 -10.06 -29.20 1.77
N THR A 31 -9.45 -30.09 2.55
CA THR A 31 -8.93 -29.68 3.86
C THR A 31 -7.43 -29.40 3.71
N PRO A 32 -7.02 -28.13 3.80
CA PRO A 32 -5.59 -27.89 3.59
C PRO A 32 -4.82 -28.10 4.89
N ARG A 33 -3.48 -27.98 4.81
CA ARG A 33 -2.66 -27.91 6.02
C ARG A 33 -2.03 -26.51 6.07
N VAL A 34 -1.75 -26.00 7.27
CA VAL A 34 -1.23 -24.64 7.42
C VAL A 34 0.12 -24.70 8.11
N MET A 35 1.08 -23.89 7.66
CA MET A 35 2.32 -23.71 8.39
C MET A 35 2.66 -22.22 8.49
N ASP A 36 3.40 -21.86 9.52
CA ASP A 36 3.82 -20.46 9.70
C ASP A 36 5.12 -20.47 10.52
N THR A 37 6.10 -19.67 10.13
CA THR A 37 7.37 -19.66 10.88
C THR A 37 7.24 -19.01 12.25
N ARG A 38 6.17 -18.25 12.47
CA ARG A 38 5.87 -17.68 13.79
C ARG A 38 5.25 -18.74 14.71
N MET A 39 5.67 -18.79 15.98
CA MET A 39 5.16 -19.82 16.89
CA MET A 39 5.14 -19.85 16.84
C MET A 39 3.66 -19.70 17.14
N THR A 40 3.19 -18.47 17.36
CA THR A 40 1.76 -18.25 17.53
C THR A 40 1.32 -17.12 16.58
N PRO A 41 1.14 -17.47 15.29
CA PRO A 41 0.81 -16.39 14.33
C PRO A 41 -0.57 -15.82 14.60
N PRO A 42 -0.80 -14.58 14.14
CA PRO A 42 -2.14 -13.96 14.19
C PRO A 42 -3.14 -14.92 13.59
N GLY A 43 -4.29 -15.05 14.24
CA GLY A 43 -5.37 -15.88 13.74
C GLY A 43 -5.37 -17.34 14.18
N LEU A 44 -4.34 -17.77 14.91
CA LEU A 44 -4.19 -19.20 15.22
C LEU A 44 -5.42 -19.73 15.96
N ASP A 45 -5.94 -18.91 16.87
CA ASP A 45 -7.07 -19.31 17.68
C ASP A 45 -8.34 -19.47 16.89
N LYS A 46 -8.35 -18.94 15.67
CA LYS A 46 -9.54 -19.00 14.85
C LYS A 46 -9.48 -20.10 13.79
N LEU A 47 -8.35 -20.78 13.71
CA LEU A 47 -8.21 -21.89 12.79
C LEU A 47 -9.06 -23.04 13.32
N PRO A 48 -9.89 -23.68 12.49
CA PRO A 48 -10.65 -24.82 13.03
C PRO A 48 -9.74 -25.98 13.40
N GLU A 49 -10.15 -26.80 14.38
CA GLU A 49 -9.28 -27.85 14.88
C GLU A 49 -9.08 -28.96 13.87
N ALA A 50 -10.05 -29.13 12.98
CA ALA A 50 -9.87 -30.07 11.89
C ALA A 50 -8.66 -29.81 10.97
N VAL A 51 -8.16 -28.58 10.99
CA VAL A 51 -7.06 -28.21 10.08
C VAL A 51 -5.72 -28.45 10.76
N GLU A 52 -4.93 -29.40 10.24
CA GLU A 52 -3.58 -29.62 10.78
C GLU A 52 -2.68 -28.41 10.53
N ARG A 53 -1.91 -28.08 11.54
CA ARG A 53 -0.99 -26.95 11.46
C ARG A 53 0.38 -27.23 12.10
N HIS A 54 1.38 -26.51 11.59
CA HIS A 54 2.78 -26.63 12.05
C HIS A 54 3.28 -25.22 12.19
N THR A 55 3.64 -24.81 13.39
CA THR A 55 4.08 -23.43 13.55
C THR A 55 5.50 -23.35 14.15
N GLY A 56 6.09 -22.17 14.07
CA GLY A 56 7.45 -21.98 14.62
C GLY A 56 8.55 -22.24 13.61
N SER A 57 8.19 -22.76 12.42
CA SER A 57 9.15 -23.12 11.37
C SER A 57 8.33 -23.62 10.16
N LEU A 58 8.95 -23.77 9.00
CA LEU A 58 8.31 -24.47 7.89
C LEU A 58 8.62 -25.95 8.03
N ASN A 59 7.78 -26.79 7.45
CA ASN A 59 7.89 -28.22 7.55
C ASN A 59 8.12 -28.71 6.14
N ASP A 60 9.35 -29.13 5.85
CA ASP A 60 9.74 -29.56 4.50
C ASP A 60 9.06 -30.86 4.11
N GLU A 61 8.73 -31.70 5.09
CA GLU A 61 8.00 -32.94 4.78
C GLU A 61 6.64 -32.60 4.18
N TRP A 62 5.92 -31.67 4.82
CA TRP A 62 4.64 -31.24 4.24
C TRP A 62 4.82 -30.47 2.92
N LEU A 63 5.84 -29.62 2.83
CA LEU A 63 5.98 -28.87 1.56
C LEU A 63 6.27 -29.78 0.37
N MET A 64 7.19 -30.72 0.58
CA MET A 64 7.65 -31.57 -0.53
C MET A 64 6.61 -32.60 -0.92
N ALA A 65 5.61 -32.81 -0.05
CA ALA A 65 4.48 -33.71 -0.34
C ALA A 65 3.29 -33.02 -1.01
N ALA A 66 3.36 -31.69 -1.10
CA ALA A 66 2.17 -30.93 -1.51
C ALA A 66 1.95 -31.04 -3.02
N ASP A 67 0.69 -30.96 -3.43
CA ASP A 67 0.32 -30.71 -4.83
C ASP A 67 0.22 -29.21 -5.14
N LEU A 68 -0.04 -28.38 -4.12
CA LEU A 68 -0.22 -26.94 -4.35
C LEU A 68 0.22 -26.26 -3.05
N ILE A 69 1.08 -25.26 -3.17
CA ILE A 69 1.48 -24.39 -2.04
C ILE A 69 0.89 -23.02 -2.24
N VAL A 70 0.17 -22.54 -1.23
CA VAL A 70 -0.41 -21.18 -1.30
C VAL A 70 0.42 -20.29 -0.34
N ALA A 71 1.28 -19.42 -0.90
CA ALA A 71 2.21 -18.64 -0.07
C ALA A 71 1.68 -17.24 0.23
N SER A 72 1.71 -16.89 1.52
CA SER A 72 1.45 -15.51 1.95
C SER A 72 2.42 -14.59 1.22
N PRO A 73 1.98 -13.37 0.90
CA PRO A 73 3.00 -12.44 0.42
C PRO A 73 4.08 -12.08 1.45
N GLY A 74 3.91 -12.44 2.72
CA GLY A 74 4.92 -12.14 3.73
C GLY A 74 6.05 -13.18 3.79
N ILE A 75 5.99 -14.23 2.98
CA ILE A 75 7.14 -15.18 2.89
C ILE A 75 7.82 -15.07 1.53
N ALA A 76 9.14 -14.86 1.53
CA ALA A 76 9.84 -14.76 0.25
C ALA A 76 9.80 -16.07 -0.58
N LEU A 77 9.49 -15.94 -1.86
CA LEU A 77 9.65 -17.08 -2.78
C LEU A 77 11.07 -17.65 -2.81
N ALA A 78 12.04 -16.79 -2.53
CA ALA A 78 13.43 -17.20 -2.48
C ALA A 78 13.80 -17.92 -1.17
N HIS A 79 12.86 -18.09 -0.24
CA HIS A 79 13.13 -18.87 0.97
C HIS A 79 13.61 -20.28 0.52
N PRO A 80 14.71 -20.79 1.10
CA PRO A 80 15.26 -22.09 0.64
C PRO A 80 14.23 -23.21 0.54
N SER A 81 13.29 -23.27 1.46
CA SER A 81 12.31 -24.36 1.46
C SER A 81 11.32 -24.21 0.31
N LEU A 82 10.95 -22.96 0.01
CA LEU A 82 10.09 -22.66 -1.14
C LEU A 82 10.81 -22.83 -2.46
N SER A 83 12.09 -22.43 -2.56
CA SER A 83 12.82 -22.70 -3.78
C SER A 83 13.03 -24.20 -4.05
N ALA A 84 13.22 -24.99 -2.99
CA ALA A 84 13.36 -26.46 -3.15
C ALA A 84 12.05 -27.02 -3.72
N ALA A 85 10.90 -26.53 -3.24
CA ALA A 85 9.65 -27.01 -3.78
C ALA A 85 9.47 -26.61 -5.26
N ALA A 86 9.80 -25.36 -5.59
CA ALA A 86 9.67 -24.89 -6.97
C ALA A 86 10.57 -25.75 -7.87
N ASP A 87 11.80 -25.99 -7.43
CA ASP A 87 12.71 -26.86 -8.18
C ASP A 87 12.15 -28.24 -8.45
N ALA A 88 11.36 -28.76 -7.49
CA ALA A 88 10.73 -30.06 -7.64
C ALA A 88 9.49 -30.01 -8.53
N GLY A 89 9.13 -28.82 -9.02
CA GLY A 89 7.97 -28.68 -9.90
C GLY A 89 6.64 -28.57 -9.18
N ILE A 90 6.70 -28.29 -7.88
CA ILE A 90 5.47 -28.10 -7.11
C ILE A 90 4.91 -26.70 -7.29
N GLU A 91 3.64 -26.65 -7.65
CA GLU A 91 3.00 -25.39 -8.01
C GLU A 91 2.90 -24.48 -6.78
N ILE A 92 3.26 -23.22 -6.95
CA ILE A 92 3.16 -22.20 -5.88
C ILE A 92 2.34 -21.02 -6.38
N VAL A 93 1.31 -20.67 -5.63
CA VAL A 93 0.45 -19.52 -5.94
C VAL A 93 0.20 -18.71 -4.67
N GLY A 94 -0.49 -17.58 -4.78
CA GLY A 94 -0.92 -16.83 -3.60
C GLY A 94 -2.43 -16.65 -3.61
N ASP A 95 -2.93 -15.97 -2.61
CA ASP A 95 -4.37 -15.70 -2.57
C ASP A 95 -4.94 -14.94 -3.77
N ILE A 96 -4.19 -13.97 -4.28
CA ILE A 96 -4.68 -13.20 -5.41
C ILE A 96 -4.82 -14.09 -6.65
N GLU A 97 -3.85 -15.03 -6.83
CA GLU A 97 -4.00 -16.02 -7.91
C GLU A 97 -5.30 -16.85 -7.79
N LEU A 98 -5.55 -17.36 -6.61
CA LEU A 98 -6.77 -18.13 -6.38
C LEU A 98 -8.02 -17.30 -6.72
N PHE A 99 -8.00 -16.05 -6.28
CA PHE A 99 -9.08 -15.10 -6.57
C PHE A 99 -9.28 -14.90 -8.08
N CYS A 100 -8.21 -14.60 -8.79
CA CYS A 100 -8.32 -14.35 -10.24
C CYS A 100 -8.89 -15.55 -10.99
N ARG A 101 -8.61 -16.76 -10.51
CA ARG A 101 -9.15 -17.96 -11.20
C ARG A 101 -10.65 -18.09 -11.03
N GLU A 102 -11.22 -17.47 -10.00
CA GLU A 102 -12.64 -17.60 -9.71
C GLU A 102 -13.50 -16.40 -10.06
N ALA A 103 -12.90 -15.23 -10.13
CA ALA A 103 -13.67 -13.97 -10.28
C ALA A 103 -14.54 -13.99 -11.55
N GLN A 104 -15.78 -13.55 -11.38
CA GLN A 104 -16.75 -13.47 -12.51
C GLN A 104 -17.12 -12.02 -12.88
N ALA A 105 -16.26 -11.09 -12.48
CA ALA A 105 -16.42 -9.69 -12.86
C ALA A 105 -15.03 -9.16 -13.22
N PRO A 106 -14.99 -8.11 -14.06
CA PRO A 106 -13.72 -7.51 -14.43
C PRO A 106 -12.98 -6.96 -13.20
N ILE A 107 -11.66 -6.95 -13.30
CA ILE A 107 -10.78 -6.47 -12.24
C ILE A 107 -9.99 -5.25 -12.66
N VAL A 108 -10.06 -4.18 -11.85
CA VAL A 108 -9.14 -3.07 -11.97
C VAL A 108 -8.02 -3.34 -10.99
N ALA A 109 -6.78 -3.30 -11.46
CA ALA A 109 -5.65 -3.73 -10.63
C ALA A 109 -4.66 -2.57 -10.44
N ILE A 110 -4.31 -2.24 -9.20
CA ILE A 110 -3.49 -1.03 -8.91
C ILE A 110 -2.31 -1.40 -8.02
N THR A 111 -1.08 -1.10 -8.48
CA THR A 111 0.08 -1.19 -7.61
C THR A 111 0.91 0.11 -7.72
N GLY A 112 2.04 0.13 -7.03
CA GLY A 112 2.92 1.32 -7.00
C GLY A 112 3.52 1.46 -5.60
N SER A 113 4.60 2.24 -5.49
CA SER A 113 5.27 2.45 -4.20
C SER A 113 4.45 3.37 -3.30
N ASN A 114 3.70 4.32 -3.88
CA ASN A 114 2.89 5.29 -3.11
CA ASN A 114 2.81 5.15 -3.08
C ASN A 114 1.57 5.47 -3.87
N GLY A 115 0.50 5.71 -3.14
CA GLY A 115 -0.78 6.13 -3.73
C GLY A 115 -1.72 4.98 -4.02
N LYS A 116 -1.28 3.71 -3.90
CA LYS A 116 -2.12 2.66 -4.44
C LYS A 116 -3.41 2.44 -3.63
N SER A 117 -3.38 2.60 -2.29
CA SER A 117 -4.62 2.61 -1.51
C SER A 117 -5.63 3.72 -1.83
N THR A 118 -5.11 4.94 -1.93
CA THR A 118 -5.93 6.09 -2.31
C THR A 118 -6.57 5.91 -3.70
N VAL A 119 -5.77 5.55 -4.70
CA VAL A 119 -6.33 5.24 -6.02
C VAL A 119 -7.35 4.09 -5.99
N THR A 120 -7.05 3.00 -5.27
CA THR A 120 -7.97 1.87 -5.22
C THR A 120 -9.29 2.32 -4.59
N THR A 121 -9.20 3.04 -3.45
CA THR A 121 -10.42 3.53 -2.78
C THR A 121 -11.20 4.50 -3.68
N LEU A 122 -10.50 5.36 -4.41
CA LEU A 122 -11.17 6.33 -5.29
C LEU A 122 -11.93 5.62 -6.41
N VAL A 123 -11.30 4.64 -7.03
CA VAL A 123 -11.98 3.97 -8.15
C VAL A 123 -13.20 3.23 -7.57
N GLY A 124 -13.04 2.66 -6.38
CA GLY A 124 -14.21 2.07 -5.68
C GLY A 124 -15.36 3.06 -5.47
N GLU A 125 -15.04 4.25 -5.03
CA GLU A 125 -16.09 5.28 -4.90
C GLU A 125 -16.70 5.72 -6.24
N MET A 126 -15.90 5.76 -7.29
CA MET A 126 -16.40 6.05 -8.62
C MET A 126 -17.44 5.01 -9.06
N ALA A 127 -17.14 3.72 -8.79
CA ALA A 127 -18.07 2.62 -9.11
C ALA A 127 -19.37 2.76 -8.27
N LYS A 128 -19.23 3.06 -6.99
CA LYS A 128 -20.41 3.18 -6.12
C LYS A 128 -21.30 4.33 -6.60
N ALA A 129 -20.65 5.38 -7.06
CA ALA A 129 -21.41 6.56 -7.48
C ALA A 129 -22.19 6.28 -8.77
N ALA A 130 -21.74 5.29 -9.56
CA ALA A 130 -22.43 4.84 -10.76
C ALA A 130 -23.51 3.80 -10.45
N GLY A 131 -23.65 3.46 -9.19
CA GLY A 131 -24.54 2.39 -8.71
C GLY A 131 -24.11 0.98 -9.12
N VAL A 132 -22.80 0.79 -9.30
CA VAL A 132 -22.25 -0.54 -9.62
C VAL A 132 -21.93 -1.32 -8.34
N ASN A 133 -22.31 -2.58 -8.27
CA ASN A 133 -21.98 -3.44 -7.12
C ASN A 133 -20.46 -3.75 -7.17
N VAL A 134 -19.69 -3.14 -6.28
CA VAL A 134 -18.22 -3.21 -6.45
C VAL A 134 -17.61 -3.88 -5.22
N GLY A 135 -16.60 -4.72 -5.40
CA GLY A 135 -15.80 -5.25 -4.27
C GLY A 135 -14.40 -4.63 -4.33
N VAL A 136 -13.96 -4.04 -3.22
CA VAL A 136 -12.71 -3.27 -3.13
C VAL A 136 -11.86 -3.92 -2.03
N GLY A 137 -10.63 -4.26 -2.35
CA GLY A 137 -9.77 -4.82 -1.31
C GLY A 137 -8.44 -5.27 -1.85
N GLY A 138 -7.86 -6.29 -1.24
CA GLY A 138 -6.53 -6.79 -1.60
C GLY A 138 -5.43 -6.42 -0.63
N ASN A 139 -5.59 -5.31 0.11
CA ASN A 139 -4.62 -4.99 1.15
C ASN A 139 -4.84 -5.78 2.46
N ILE A 140 -3.98 -5.50 3.45
CA ILE A 140 -3.95 -6.25 4.71
C ILE A 140 -5.33 -6.47 5.37
N GLY A 141 -6.14 -5.43 5.49
CA GLY A 141 -7.39 -5.59 6.24
C GLY A 141 -8.54 -6.21 5.44
N LEU A 142 -8.35 -6.38 4.12
CA LEU A 142 -9.47 -6.80 3.25
C LEU A 142 -9.12 -7.87 2.19
N PRO A 143 -8.98 -9.13 2.61
CA PRO A 143 -8.44 -10.16 1.71
C PRO A 143 -9.37 -10.36 0.52
N ALA A 144 -8.76 -10.48 -0.65
CA ALA A 144 -9.51 -10.54 -1.90
C ALA A 144 -10.54 -11.69 -1.88
N LEU A 145 -10.16 -12.86 -1.33
CA LEU A 145 -11.06 -14.03 -1.41
C LEU A 145 -12.37 -13.80 -0.66
N MET A 146 -12.34 -12.91 0.33
CA MET A 146 -13.56 -12.52 1.04
CA MET A 146 -13.55 -12.50 1.05
C MET A 146 -14.50 -11.62 0.25
N LEU A 147 -14.02 -11.07 -0.85
CA LEU A 147 -14.85 -10.26 -1.72
C LEU A 147 -15.69 -11.04 -2.71
N LEU A 148 -15.30 -12.28 -3.02
CA LEU A 148 -15.89 -13.05 -4.11
C LEU A 148 -17.40 -13.20 -3.90
N ASP A 149 -18.16 -12.79 -4.91
CA ASP A 149 -19.62 -12.72 -4.81
C ASP A 149 -20.17 -12.64 -6.23
N ASP A 150 -21.01 -13.61 -6.59
CA ASP A 150 -21.65 -13.65 -7.93
C ASP A 150 -22.41 -12.39 -8.32
N GLU A 151 -22.80 -11.59 -7.33
CA GLU A 151 -23.47 -10.33 -7.64
C GLU A 151 -22.52 -9.14 -7.85
N CYS A 152 -21.24 -9.33 -7.57
CA CYS A 152 -20.28 -8.27 -7.79
CA CYS A 152 -20.26 -8.25 -7.79
C CYS A 152 -20.17 -8.01 -9.28
N GLU A 153 -20.18 -6.72 -9.66
CA GLU A 153 -20.10 -6.30 -11.04
C GLU A 153 -18.73 -5.77 -11.41
N LEU A 154 -17.92 -5.46 -10.41
CA LEU A 154 -16.57 -4.93 -10.69
C LEU A 154 -15.74 -5.19 -9.44
N TYR A 155 -14.50 -5.64 -9.60
CA TYR A 155 -13.54 -5.66 -8.47
C TYR A 155 -12.45 -4.63 -8.68
N VAL A 156 -12.01 -4.00 -7.59
CA VAL A 156 -10.91 -3.05 -7.60
C VAL A 156 -9.91 -3.54 -6.54
N LEU A 157 -8.71 -3.91 -6.97
CA LEU A 157 -7.76 -4.58 -6.08
C LEU A 157 -6.50 -3.73 -5.95
N GLU A 158 -6.11 -3.46 -4.70
CA GLU A 158 -4.78 -2.96 -4.44
C GLU A 158 -3.87 -4.17 -4.33
N LEU A 159 -2.79 -4.17 -5.11
CA LEU A 159 -1.87 -5.29 -5.15
C LEU A 159 -0.47 -4.80 -4.82
N SER A 160 0.26 -5.59 -4.04
CA SER A 160 1.67 -5.31 -3.75
C SER A 160 2.56 -6.07 -4.73
N SER A 161 3.80 -5.63 -4.84
CA SER A 161 4.81 -6.38 -5.61
C SER A 161 4.85 -7.84 -5.17
N PHE A 162 4.71 -8.12 -3.86
CA PHE A 162 4.80 -9.48 -3.35
C PHE A 162 3.65 -10.35 -3.88
N GLN A 163 2.44 -9.79 -3.85
CA GLN A 163 1.26 -10.54 -4.34
C GLN A 163 1.43 -10.81 -5.83
N LEU A 164 1.92 -9.82 -6.55
CA LEU A 164 2.08 -10.02 -8.00
C LEU A 164 3.09 -11.15 -8.34
N GLU A 165 4.12 -11.32 -7.51
CA GLU A 165 5.13 -12.34 -7.80
C GLU A 165 4.52 -13.72 -7.90
N THR A 166 3.44 -13.97 -7.17
CA THR A 166 2.83 -15.29 -7.13
C THR A 166 1.54 -15.38 -7.93
N THR A 167 1.31 -14.36 -8.75
CA THR A 167 0.07 -14.26 -9.54
C THR A 167 0.39 -14.43 -11.02
N SER A 168 -0.36 -15.29 -11.71
CA SER A 168 -0.17 -15.52 -13.12
C SER A 168 -1.46 -15.42 -13.97
N SER A 169 -2.62 -15.46 -13.33
CA SER A 169 -3.88 -15.48 -14.09
C SER A 169 -4.67 -14.15 -14.14
N LEU A 170 -4.07 -13.06 -13.69
CA LEU A 170 -4.77 -11.79 -13.73
C LEU A 170 -4.86 -11.30 -15.19
N GLN A 171 -6.06 -10.91 -15.61
CA GLN A 171 -6.26 -10.28 -16.91
C GLN A 171 -7.10 -9.03 -16.60
N ALA A 172 -6.41 -7.98 -16.13
CA ALA A 172 -7.09 -6.81 -15.59
C ALA A 172 -7.83 -6.10 -16.74
N VAL A 173 -9.04 -5.58 -16.49
CA VAL A 173 -9.68 -4.69 -17.47
C VAL A 173 -8.84 -3.40 -17.57
N ALA A 174 -8.24 -2.96 -16.46
CA ALA A 174 -7.37 -1.77 -16.46
C ALA A 174 -6.36 -2.01 -15.34
N ALA A 175 -5.07 -1.80 -15.62
CA ALA A 175 -4.03 -1.98 -14.63
C ALA A 175 -3.06 -0.82 -14.65
N THR A 176 -2.54 -0.46 -13.46
CA THR A 176 -1.56 0.62 -13.34
C THR A 176 -0.43 0.27 -12.35
N ILE A 177 0.78 0.75 -12.65
CA ILE A 177 1.81 1.03 -11.66
C ILE A 177 1.89 2.53 -11.51
N LEU A 178 1.59 3.04 -10.33
CA LEU A 178 1.49 4.50 -10.16
C LEU A 178 2.87 5.19 -10.14
N ASN A 179 3.87 4.49 -9.62
CA ASN A 179 5.24 5.02 -9.46
C ASN A 179 6.08 3.87 -8.93
N VAL A 180 7.39 3.94 -9.14
CA VAL A 180 8.30 2.97 -8.54
C VAL A 180 9.43 3.77 -7.87
N THR A 181 9.46 3.74 -6.54
CA THR A 181 10.57 4.35 -5.81
C THR A 181 11.09 3.32 -4.82
N GLU A 182 12.36 3.41 -4.45
CA GLU A 182 12.99 2.36 -3.65
C GLU A 182 12.14 1.96 -2.44
N ASP A 183 11.77 0.68 -2.34
CA ASP A 183 11.11 0.10 -1.15
C ASP A 183 11.33 -1.42 -1.16
N HIS A 184 11.09 -2.02 0.00
CA HIS A 184 11.16 -3.48 0.13
C HIS A 184 12.51 -4.06 -0.29
N MET A 185 13.58 -3.31 -0.15
CA MET A 185 14.89 -3.84 -0.56
C MET A 185 15.34 -5.06 0.27
N ASP A 186 14.79 -5.19 1.47
CA ASP A 186 15.05 -6.38 2.27
C ASP A 186 14.53 -7.66 1.62
N ARG A 187 13.62 -7.52 0.65
CA ARG A 187 13.03 -8.65 -0.10
C ARG A 187 13.47 -8.72 -1.55
N TYR A 188 14.27 -7.76 -2.00
CA TYR A 188 14.69 -7.73 -3.40
C TYR A 188 16.20 -7.59 -3.53
N PRO A 189 16.92 -8.70 -3.35
CA PRO A 189 18.40 -8.62 -3.31
C PRO A 189 19.03 -8.35 -4.68
N PHE A 190 18.25 -8.35 -5.77
CA PHE A 190 18.70 -7.80 -7.07
C PHE A 190 18.22 -6.37 -7.33
N GLY A 191 17.86 -5.70 -6.25
CA GLY A 191 17.73 -4.25 -6.26
C GLY A 191 16.48 -3.69 -6.93
N LEU A 192 16.59 -2.45 -7.36
CA LEU A 192 15.40 -1.70 -7.81
C LEU A 192 14.73 -2.37 -9.03
N GLN A 193 15.54 -2.81 -9.98
CA GLN A 193 15.02 -3.45 -11.19
C GLN A 193 14.27 -4.76 -10.90
N GLN A 194 14.71 -5.54 -9.90
CA GLN A 194 13.97 -6.72 -9.47
C GLN A 194 12.62 -6.38 -8.84
N TYR A 195 12.60 -5.36 -7.99
CA TYR A 195 11.35 -4.85 -7.42
C TYR A 195 10.41 -4.32 -8.53
N ARG A 196 10.94 -3.50 -9.45
CA ARG A 196 10.19 -3.07 -10.63
C ARG A 196 9.62 -4.24 -11.43
N ALA A 197 10.45 -5.26 -11.70
CA ALA A 197 9.97 -6.38 -12.52
C ALA A 197 8.75 -7.04 -11.86
N ALA A 198 8.70 -7.09 -10.54
CA ALA A 198 7.58 -7.76 -9.86
C ALA A 198 6.33 -6.93 -10.17
N LEU A 200 5.87 -4.91 -12.76
CA LEU A 200 5.53 -4.94 -14.20
C LEU A 200 4.62 -6.12 -14.55
N ARG A 201 4.60 -7.14 -13.67
CA ARG A 201 3.74 -8.31 -13.90
C ARG A 201 2.27 -7.89 -14.01
N ILE A 202 1.89 -6.77 -13.39
CA ILE A 202 0.47 -6.40 -13.36
C ILE A 202 -0.11 -6.12 -14.76
N TYR A 203 0.74 -5.76 -15.72
CA TYR A 203 0.28 -5.35 -17.04
C TYR A 203 0.09 -6.57 -17.94
N GLU A 204 0.60 -7.75 -17.57
CA GLU A 204 0.50 -8.92 -18.45
CA GLU A 204 0.50 -8.92 -18.45
C GLU A 204 -0.97 -9.29 -18.70
N ASN A 205 -1.37 -9.38 -19.96
CA ASN A 205 -2.77 -9.65 -20.31
C ASN A 205 -3.79 -8.59 -19.88
N ALA A 206 -3.34 -7.40 -19.48
CA ALA A 206 -4.31 -6.37 -19.12
C ALA A 206 -4.89 -5.77 -20.40
N LYS A 207 -6.19 -5.47 -20.40
CA LYS A 207 -6.83 -4.86 -21.58
CA LYS A 207 -6.83 -4.86 -21.57
C LYS A 207 -6.34 -3.43 -21.82
N VAL A 208 -6.27 -2.62 -20.76
CA VAL A 208 -5.71 -1.26 -20.81
C VAL A 208 -4.64 -1.16 -19.76
N CYS A 209 -3.47 -0.63 -20.13
CA CYS A 209 -2.42 -0.29 -19.16
CA CYS A 209 -2.44 -0.28 -19.15
C CYS A 209 -2.39 1.22 -18.98
N VAL A 210 -2.30 1.66 -17.74
CA VAL A 210 -2.24 3.09 -17.39
C VAL A 210 -0.90 3.35 -16.73
N VAL A 211 -0.10 4.25 -17.32
CA VAL A 211 1.25 4.47 -16.87
C VAL A 211 1.38 5.91 -16.41
N ASN A 212 2.48 6.20 -15.69
CA ASN A 212 2.78 7.54 -15.17
C ASN A 212 3.80 8.15 -16.12
N ALA A 213 3.37 9.17 -16.87
CA ALA A 213 4.22 9.82 -17.88
C ALA A 213 5.44 10.44 -17.22
N ASP A 214 5.39 10.64 -15.90
CA ASP A 214 6.50 11.29 -15.21
C ASP A 214 7.44 10.29 -14.54
N ASP A 215 7.15 8.99 -14.67
CA ASP A 215 7.97 7.97 -14.02
C ASP A 215 8.23 6.81 -14.98
N ALA A 216 9.40 6.82 -15.63
CA ALA A 216 9.69 5.86 -16.71
C ALA A 216 9.67 4.41 -16.27
N LEU A 217 9.90 4.18 -14.98
CA LEU A 217 9.89 2.82 -14.44
CA LEU A 217 9.90 2.82 -14.45
C LEU A 217 8.51 2.19 -14.41
N THR A 218 7.46 3.01 -14.52
CA THR A 218 6.09 2.44 -14.60
C THR A 218 5.72 1.91 -15.98
N MET A 219 6.61 2.08 -16.95
CA MET A 219 6.28 1.72 -18.33
C MET A 219 6.77 0.31 -18.62
N PRO A 220 5.95 -0.46 -19.33
CA PRO A 220 6.43 -1.78 -19.73
C PRO A 220 7.80 -1.67 -20.45
N ILE A 221 8.63 -2.69 -20.31
CA ILE A 221 9.98 -2.68 -20.91
C ILE A 221 9.92 -2.75 -22.44
N ARG A 222 8.92 -3.48 -22.95
CA ARG A 222 8.53 -3.38 -24.35
C ARG A 222 7.15 -2.75 -24.52
N ARG A 227 1.28 2.55 -26.49
CA ARG A 227 -0.08 2.03 -26.46
C ARG A 227 -0.71 1.91 -25.06
N CYS A 228 0.03 2.25 -24.00
CA CYS A 228 -0.60 2.51 -22.70
C CYS A 228 -1.21 3.92 -22.66
N VAL A 229 -2.28 4.05 -21.89
CA VAL A 229 -2.83 5.33 -21.51
C VAL A 229 -1.92 5.91 -20.43
N SER A 230 -1.71 7.22 -20.44
CA SER A 230 -0.84 7.87 -19.46
C SER A 230 -1.47 8.99 -18.63
N PHE A 231 -0.96 9.18 -17.42
CA PHE A 231 -1.31 10.35 -16.63
C PHE A 231 0.00 11.04 -16.25
N GLY A 232 -0.03 12.36 -16.11
CA GLY A 232 1.13 13.06 -15.57
C GLY A 232 0.77 14.48 -15.15
N VAL A 233 1.78 15.23 -14.70
CA VAL A 233 1.59 16.63 -14.32
C VAL A 233 1.47 17.52 -15.56
N ASN A 234 2.52 17.62 -16.37
CA ASN A 234 2.41 18.49 -17.55
C ASN A 234 2.13 17.72 -18.82
N MET A 235 2.37 16.41 -18.79
CA MET A 235 2.38 15.56 -19.97
C MET A 235 1.38 14.47 -19.61
N GLY A 236 0.79 13.83 -20.60
CA GLY A 236 -0.01 12.60 -20.41
C GLY A 236 -1.37 12.79 -21.02
N ASP A 237 -2.03 11.68 -21.37
CA ASP A 237 -3.42 11.73 -21.81
C ASP A 237 -4.34 12.40 -20.76
N TYR A 238 -4.08 12.07 -19.48
CA TYR A 238 -4.69 12.70 -18.31
C TYR A 238 -3.59 13.54 -17.65
N HIS A 239 -3.82 14.84 -17.48
CA HIS A 239 -2.79 15.75 -16.98
C HIS A 239 -3.42 16.97 -16.29
N LEU A 240 -2.57 17.80 -15.69
CA LEU A 240 -2.99 18.97 -14.96
C LEU A 240 -2.77 20.23 -15.79
N ASN A 241 -3.69 21.17 -15.66
CA ASN A 241 -3.63 22.47 -16.35
C ASN A 241 -3.67 23.52 -15.24
N HIS A 242 -2.58 24.28 -15.09
CA HIS A 242 -2.53 25.39 -14.14
C HIS A 242 -2.73 26.71 -14.91
N GLN A 243 -3.75 27.51 -14.56
CA GLN A 243 -3.84 28.93 -14.95
C GLN A 243 -4.29 29.77 -13.76
N GLN A 244 -3.83 31.01 -13.68
CA GLN A 244 -4.09 31.83 -12.49
C GLN A 244 -3.50 31.13 -11.28
N GLY A 245 -4.30 31.03 -10.22
CA GLY A 245 -4.02 30.14 -9.12
C GLY A 245 -4.86 28.88 -9.17
N GLU A 246 -5.56 28.67 -10.30
CA GLU A 246 -6.44 27.50 -10.47
C GLU A 246 -5.74 26.28 -11.08
N THR A 247 -6.02 25.09 -10.54
CA THR A 247 -5.61 23.82 -11.17
C THR A 247 -6.81 23.02 -11.68
N TRP A 248 -6.68 22.50 -12.90
CA TRP A 248 -7.71 21.65 -13.50
C TRP A 248 -7.18 20.26 -13.84
N LEU A 249 -8.04 19.26 -13.67
CA LEU A 249 -7.81 17.95 -14.30
C LEU A 249 -8.26 18.06 -15.75
N ARG A 250 -7.43 17.56 -16.66
CA ARG A 250 -7.75 17.58 -18.10
C ARG A 250 -7.58 16.19 -18.74
N VAL A 251 -8.42 15.86 -19.70
CA VAL A 251 -8.23 14.65 -20.48
C VAL A 251 -8.07 15.08 -21.94
N LYS A 252 -6.90 14.79 -22.53
CA LYS A 252 -6.64 15.20 -23.92
C LYS A 252 -7.00 16.67 -24.21
N GLY A 253 -6.59 17.59 -23.36
CA GLY A 253 -6.88 18.98 -23.63
C GLY A 253 -8.26 19.47 -23.18
N GLU A 254 -9.17 18.57 -22.80
CA GLU A 254 -10.49 19.01 -22.34
C GLU A 254 -10.51 19.14 -20.81
N LYS A 255 -10.96 20.29 -20.30
CA LYS A 255 -11.13 20.41 -18.85
C LYS A 255 -12.26 19.49 -18.35
N VAL A 256 -11.99 18.76 -17.28
CA VAL A 256 -13.02 17.91 -16.65
C VAL A 256 -13.32 18.27 -15.19
N LEU A 257 -12.36 18.87 -14.48
CA LEU A 257 -12.63 19.23 -13.09
C LEU A 257 -11.69 20.28 -12.56
N ASN A 258 -12.26 21.30 -11.93
CA ASN A 258 -11.45 22.29 -11.22
C ASN A 258 -11.21 21.69 -9.83
N VAL A 259 -9.94 21.51 -9.47
CA VAL A 259 -9.60 20.79 -8.23
C VAL A 259 -10.08 21.51 -6.95
N LYS A 260 -10.57 22.75 -7.02
CA LYS A 260 -11.23 23.36 -5.85
C LYS A 260 -12.47 22.56 -5.42
N GLU A 261 -13.01 21.73 -6.30
CA GLU A 261 -14.18 20.93 -5.95
C GLU A 261 -13.79 19.64 -5.21
N MET A 262 -12.51 19.27 -5.23
CA MET A 262 -12.04 18.10 -4.47
C MET A 262 -11.85 18.45 -3.00
N LYS A 263 -11.99 17.48 -2.12
CA LYS A 263 -11.63 17.72 -0.71
C LYS A 263 -10.14 17.48 -0.49
N LEU A 264 -9.58 16.53 -1.23
CA LEU A 264 -8.14 16.28 -1.26
C LEU A 264 -7.41 17.47 -1.89
N SER A 265 -6.18 17.68 -1.45
CA SER A 265 -5.40 18.81 -1.97
C SER A 265 -3.96 18.38 -2.22
N GLY A 266 -3.21 19.18 -2.97
CA GLY A 266 -1.82 18.82 -3.27
C GLY A 266 -1.58 18.03 -4.54
N GLN A 267 -0.48 18.36 -5.21
CA GLN A 267 -0.16 17.78 -6.50
C GLN A 267 -0.24 16.24 -6.57
N HIS A 268 0.23 15.53 -5.55
CA HIS A 268 0.20 14.08 -5.68
C HIS A 268 -1.25 13.56 -5.53
N ASN A 269 -2.09 14.25 -4.77
CA ASN A 269 -3.51 13.86 -4.75
C ASN A 269 -4.18 14.13 -6.08
N TYR A 270 -3.73 15.17 -6.78
CA TYR A 270 -4.27 15.49 -8.12
C TYR A 270 -3.85 14.46 -9.16
N THR A 271 -2.59 13.98 -9.16
CA THR A 271 -2.22 12.89 -10.04
C THR A 271 -2.86 11.56 -9.64
N ASN A 272 -3.09 11.33 -8.35
CA ASN A 272 -3.88 10.16 -7.95
C ASN A 272 -5.30 10.21 -8.57
N ALA A 273 -5.89 11.41 -8.57
CA ALA A 273 -7.25 11.56 -9.10
C ALA A 273 -7.22 11.24 -10.61
N LEU A 274 -6.19 11.75 -11.32
CA LEU A 274 -6.05 11.45 -12.72
C LEU A 274 -5.93 9.95 -13.02
N ALA A 275 -5.12 9.24 -12.23
CA ALA A 275 -4.92 7.82 -12.48
C ALA A 275 -6.23 7.09 -12.22
N ALA A 276 -6.93 7.48 -11.16
CA ALA A 276 -8.22 6.84 -10.84
C ALA A 276 -9.24 7.08 -11.97
N LEU A 277 -9.32 8.30 -12.48
CA LEU A 277 -10.18 8.58 -13.64
C LEU A 277 -9.82 7.78 -14.89
N ALA A 278 -8.53 7.68 -15.20
CA ALA A 278 -8.11 6.82 -16.32
C ALA A 278 -8.53 5.37 -16.13
N LEU A 279 -8.37 4.86 -14.92
CA LEU A 279 -8.79 3.47 -14.63
C LEU A 279 -10.30 3.33 -14.76
N ALA A 280 -11.02 4.26 -14.15
CA ALA A 280 -12.50 4.19 -14.18
C ALA A 280 -13.04 4.29 -15.61
N ASP A 281 -12.47 5.23 -16.37
CA ASP A 281 -12.83 5.36 -17.77
C ASP A 281 -12.59 4.03 -18.50
N ALA A 282 -11.42 3.43 -18.28
CA ALA A 282 -11.11 2.21 -19.03
C ALA A 282 -12.00 1.04 -18.64
N ALA A 283 -12.44 1.03 -17.39
CA ALA A 283 -13.37 0.03 -16.89
C ALA A 283 -14.81 0.27 -17.33
N GLY A 284 -15.07 1.33 -18.10
CA GLY A 284 -16.41 1.59 -18.59
C GLY A 284 -17.35 2.39 -17.70
N LEU A 285 -16.85 2.94 -16.60
CA LEU A 285 -17.71 3.73 -15.69
C LEU A 285 -18.03 5.12 -16.28
N PRO A 286 -19.24 5.63 -15.98
CA PRO A 286 -19.65 6.90 -16.57
C PRO A 286 -18.80 8.01 -15.99
N ARG A 287 -18.33 8.89 -16.86
CA ARG A 287 -17.39 9.93 -16.48
C ARG A 287 -18.01 10.86 -15.44
N ALA A 288 -19.28 11.20 -15.62
CA ALA A 288 -19.90 12.20 -14.80
C ALA A 288 -19.99 11.72 -13.35
N SER A 289 -20.38 10.46 -13.15
CA SER A 289 -20.39 9.90 -11.81
C SER A 289 -18.97 9.76 -11.21
N SER A 290 -18.00 9.46 -12.05
CA SER A 290 -16.60 9.40 -11.59
C SER A 290 -16.10 10.72 -11.03
N LEU A 291 -16.44 11.82 -11.72
CA LEU A 291 -16.11 13.16 -11.24
C LEU A 291 -16.80 13.49 -9.93
N LYS A 292 -18.05 13.05 -9.77
CA LYS A 292 -18.79 13.27 -8.54
C LYS A 292 -18.02 12.65 -7.37
N ALA A 293 -17.51 11.44 -7.58
CA ALA A 293 -16.81 10.73 -6.51
C ALA A 293 -15.56 11.48 -6.08
N LEU A 294 -14.87 12.08 -7.04
CA LEU A 294 -13.70 12.91 -6.73
C LEU A 294 -14.04 14.08 -5.81
N THR A 295 -15.25 14.61 -5.92
CA THR A 295 -15.63 15.72 -5.08
C THR A 295 -16.02 15.31 -3.65
N THR A 296 -16.34 14.04 -3.44
CA THR A 296 -16.84 13.63 -2.12
C THR A 296 -15.81 12.87 -1.29
N PHE A 297 -14.80 12.32 -1.97
CA PHE A 297 -13.76 11.55 -1.26
C PHE A 297 -12.94 12.36 -0.25
N THR A 298 -12.87 11.92 1.00
CA THR A 298 -12.20 12.70 2.03
C THR A 298 -10.81 12.19 2.41
N GLY A 299 -10.35 11.09 1.83
CA GLY A 299 -8.99 10.64 2.17
C GLY A 299 -9.05 9.41 3.04
N LEU A 300 -7.91 8.75 3.23
CA LEU A 300 -7.87 7.56 4.07
C LEU A 300 -7.26 7.93 5.41
N PRO A 301 -7.61 7.19 6.46
CA PRO A 301 -6.88 7.36 7.72
C PRO A 301 -5.37 7.01 7.56
N HIS A 302 -4.53 7.72 8.29
CA HIS A 302 -3.08 7.49 8.32
C HIS A 302 -2.38 8.05 7.09
N ARG A 303 -3.16 8.67 6.19
CA ARG A 303 -2.56 9.27 4.99
CA ARG A 303 -2.57 9.28 4.98
C ARG A 303 -2.65 10.80 5.10
N PHE A 304 -1.54 11.40 5.55
CA PHE A 304 -1.51 12.82 5.86
C PHE A 304 -2.81 13.31 6.51
N GLU A 305 -3.20 12.61 7.57
CA GLU A 305 -4.46 12.87 8.22
C GLU A 305 -4.26 13.83 9.37
N VAL A 306 -4.98 14.96 9.32
CA VAL A 306 -5.01 15.88 10.46
C VAL A 306 -5.77 15.26 11.65
N VAL A 307 -5.06 14.85 12.70
CA VAL A 307 -5.75 14.28 13.84
C VAL A 307 -6.14 15.31 14.89
N LEU A 308 -5.45 16.44 14.93
CA LEU A 308 -5.78 17.48 15.90
C LEU A 308 -5.27 18.79 15.31
N GLU A 309 -6.13 19.79 15.27
CA GLU A 309 -5.69 21.14 15.05
C GLU A 309 -6.20 21.99 16.20
N HIS A 310 -5.28 22.43 17.05
CA HIS A 310 -5.68 23.03 18.31
C HIS A 310 -4.54 23.87 18.86
N ASN A 311 -4.90 25.03 19.43
CA ASN A 311 -3.91 25.94 20.00
C ASN A 311 -2.81 26.41 19.04
N GLY A 312 -3.16 26.54 17.76
CA GLY A 312 -2.21 26.96 16.74
C GLY A 312 -1.25 25.90 16.21
N VAL A 313 -1.49 24.62 16.52
CA VAL A 313 -0.57 23.52 16.15
C VAL A 313 -1.39 22.45 15.42
N ARG A 314 -0.90 21.97 14.29
CA ARG A 314 -1.53 20.88 13.55
C ARG A 314 -0.72 19.62 13.78
N TRP A 315 -1.38 18.55 14.26
CA TRP A 315 -0.76 17.25 14.41
C TRP A 315 -1.26 16.31 13.29
N ILE A 316 -0.34 15.79 12.49
CA ILE A 316 -0.65 15.07 11.25
CA ILE A 316 -0.63 15.08 11.23
C ILE A 316 -0.10 13.65 11.32
N ASN A 317 -1.04 12.71 11.24
CA ASN A 317 -0.73 11.30 11.16
C ASN A 317 -0.56 10.91 9.70
N ASP A 318 0.71 10.75 9.30
CA ASP A 318 1.03 10.16 7.97
C ASP A 318 1.77 8.83 8.19
N SER A 319 1.28 8.01 9.13
CA SER A 319 1.91 6.72 9.42
C SER A 319 1.93 5.82 8.19
N LYS A 320 1.09 6.07 7.20
CA LYS A 320 1.17 5.21 6.01
C LYS A 320 2.40 5.52 5.14
N ALA A 321 3.18 6.54 5.49
CA ALA A 321 4.48 6.74 4.84
C ALA A 321 5.51 5.73 5.34
N THR A 322 5.56 4.58 4.67
CA THR A 322 6.42 3.48 5.11
C THR A 322 7.65 3.35 4.21
N ASN A 323 7.87 4.32 3.32
CA ASN A 323 9.08 4.38 2.53
C ASN A 323 9.49 5.83 2.26
N VAL A 324 10.69 6.00 1.67
CA VAL A 324 11.25 7.35 1.53
C VAL A 324 10.44 8.20 0.54
N GLY A 325 9.96 7.57 -0.54
CA GLY A 325 9.19 8.30 -1.56
C GLY A 325 7.92 8.89 -0.98
N SER A 326 7.29 8.17 -0.05
CA SER A 326 6.08 8.68 0.62
C SER A 326 6.36 9.85 1.53
N THR A 327 7.40 9.76 2.34
CA THR A 327 7.79 10.95 3.12
C THR A 327 8.16 12.16 2.27
N GLU A 328 8.89 11.93 1.18
CA GLU A 328 9.26 13.00 0.26
C GLU A 328 8.01 13.70 -0.31
N ALA A 329 6.96 12.93 -0.59
CA ALA A 329 5.67 13.50 -1.02
C ALA A 329 4.97 14.35 0.04
N ALA A 330 5.14 14.00 1.31
CA ALA A 330 4.55 14.82 2.35
C ALA A 330 5.38 16.10 2.53
N LEU A 331 6.70 16.03 2.36
CA LEU A 331 7.58 17.21 2.62
C LEU A 331 7.67 18.15 1.44
N ASN A 332 7.49 17.61 0.23
CA ASN A 332 7.70 18.41 -0.98
C ASN A 332 6.62 19.48 -1.14
N GLY A 333 7.00 20.74 -1.05
CA GLY A 333 6.03 21.86 -1.11
C GLY A 333 5.31 22.17 0.20
N LEU A 334 5.74 21.54 1.29
CA LEU A 334 5.00 21.64 2.56
C LEU A 334 5.17 23.05 3.13
N HIS A 335 4.04 23.65 3.52
CA HIS A 335 4.05 24.94 4.21
C HIS A 335 3.87 24.79 5.72
N VAL A 336 4.83 25.34 6.46
CA VAL A 336 4.77 25.36 7.93
C VAL A 336 5.01 26.81 8.36
N ASP A 337 4.11 27.38 9.16
CA ASP A 337 4.34 28.75 9.64
C ASP A 337 5.55 28.88 10.60
N GLY A 338 5.64 27.97 11.56
CA GLY A 338 6.74 27.96 12.55
C GLY A 338 7.69 26.80 12.26
N THR A 339 7.80 25.88 13.21
CA THR A 339 8.76 24.77 13.18
C THR A 339 8.04 23.49 12.84
N LEU A 340 8.65 22.70 11.96
CA LEU A 340 8.20 21.35 11.69
C LEU A 340 8.94 20.40 12.63
N HIS A 341 8.15 19.68 13.41
CA HIS A 341 8.66 18.61 14.26
C HIS A 341 8.32 17.29 13.60
N LEU A 342 9.34 16.66 13.03
CA LEU A 342 9.12 15.51 12.15
C LEU A 342 9.57 14.24 12.83
N LEU A 343 8.64 13.29 12.95
CA LEU A 343 8.92 11.98 13.52
C LEU A 343 9.32 11.00 12.41
N LEU A 344 10.52 10.44 12.54
CA LEU A 344 11.06 9.45 11.59
C LEU A 344 11.47 8.19 12.36
N GLY A 345 11.21 7.03 11.78
CA GLY A 345 11.76 5.82 12.41
C GLY A 345 11.01 4.55 12.19
N GLY A 346 11.66 3.46 12.62
CA GLY A 346 11.17 2.11 12.37
C GLY A 346 12.18 1.27 11.61
N ASP A 347 11.67 0.29 10.88
CA ASP A 347 12.48 -0.58 10.04
C ASP A 347 12.52 0.00 8.63
N GLY A 348 13.66 0.58 8.27
CA GLY A 348 13.80 1.26 7.00
C GLY A 348 14.11 0.34 5.84
N LYS A 349 14.22 -0.96 6.13
CA LYS A 349 14.31 -1.99 5.10
C LYS A 349 15.50 -1.77 4.19
N SER A 350 16.61 -1.24 4.74
CA SER A 350 17.80 -0.90 3.96
C SER A 350 17.69 0.27 2.97
N ALA A 351 16.68 1.14 3.12
CA ALA A 351 16.47 2.21 2.15
C ALA A 351 17.58 3.22 2.29
N ASP A 352 17.89 3.89 1.18
CA ASP A 352 18.72 5.09 1.20
C ASP A 352 17.85 6.27 1.64
N PHE A 353 18.06 6.75 2.87
CA PHE A 353 17.30 7.89 3.38
C PHE A 353 17.77 9.24 2.83
N SER A 354 18.93 9.28 2.17
CA SER A 354 19.51 10.56 1.75
C SER A 354 18.63 11.49 0.89
N PRO A 355 17.70 10.96 0.08
CA PRO A 355 16.84 11.89 -0.66
C PRO A 355 15.98 12.81 0.22
N LEU A 356 15.81 12.47 1.49
CA LEU A 356 15.06 13.33 2.42
C LEU A 356 15.86 14.58 2.82
N ALA A 357 17.19 14.47 2.79
CA ALA A 357 18.08 15.54 3.25
C ALA A 357 17.78 16.91 2.62
N ARG A 358 17.47 16.98 1.33
CA ARG A 358 17.17 18.32 0.75
C ARG A 358 15.98 19.07 1.38
N TYR A 359 15.09 18.35 2.04
CA TYR A 359 13.92 18.96 2.67
C TYR A 359 14.15 19.41 4.10
N LEU A 360 15.34 19.11 4.64
CA LEU A 360 15.57 19.23 6.06
C LEU A 360 16.53 20.39 6.48
N ASN A 361 16.86 21.28 5.54
CA ASN A 361 17.68 22.46 5.86
C ASN A 361 16.92 23.59 6.55
N GLY A 362 17.66 24.56 7.06
CA GLY A 362 17.05 25.78 7.59
C GLY A 362 16.77 25.73 9.07
N ASP A 363 16.19 26.80 9.58
CA ASP A 363 16.12 27.05 11.02
C ASP A 363 14.83 26.50 11.63
N ASN A 364 13.98 25.90 10.81
CA ASN A 364 12.59 25.63 11.21
C ASN A 364 12.24 24.12 11.12
N VAL A 365 13.26 23.29 11.30
CA VAL A 365 13.07 21.84 11.26
C VAL A 365 13.68 21.14 12.47
N ARG A 366 12.92 20.25 13.12
CA ARG A 366 13.47 19.38 14.17
C ARG A 366 13.12 17.92 13.88
N LEU A 367 14.04 17.00 14.14
CA LEU A 367 13.82 15.59 13.85
C LEU A 367 13.81 14.84 15.15
N TYR A 368 12.89 13.88 15.24
CA TYR A 368 12.74 13.01 16.42
C TYR A 368 12.67 11.60 15.85
N CYS A 369 13.77 10.87 16.06
CA CYS A 369 14.06 9.63 15.32
C CYS A 369 14.00 8.46 16.29
N PHE A 370 13.33 7.36 15.90
CA PHE A 370 13.14 6.23 16.83
C PHE A 370 13.13 4.90 16.08
N GLY A 371 12.96 3.80 16.82
CA GLY A 371 12.85 2.48 16.22
C GLY A 371 14.18 1.94 15.72
N ARG A 372 14.12 0.83 15.00
CA ARG A 372 15.34 0.15 14.56
C ARG A 372 16.38 1.05 13.90
N ASP A 373 15.93 1.94 13.02
CA ASP A 373 16.85 2.70 12.21
C ASP A 373 16.94 4.15 12.66
N GLY A 374 16.57 4.40 13.91
CA GLY A 374 16.56 5.76 14.41
C GLY A 374 17.92 6.44 14.29
N ALA A 375 19.02 5.73 14.58
CA ALA A 375 20.34 6.36 14.45
C ALA A 375 20.68 6.85 13.04
N GLN A 376 20.35 6.05 12.02
CA GLN A 376 20.61 6.40 10.63
C GLN A 376 19.76 7.60 10.19
N LEU A 377 18.52 7.65 10.68
CA LEU A 377 17.64 8.78 10.40
C LEU A 377 18.15 10.06 11.04
N ALA A 378 18.56 9.97 12.30
CA ALA A 378 19.15 11.13 12.98
C ALA A 378 20.36 11.69 12.22
N ALA A 379 21.13 10.79 11.62
CA ALA A 379 22.34 11.18 10.88
C ALA A 379 22.09 11.98 9.61
N LEU A 380 20.83 12.09 9.18
CA LEU A 380 20.50 12.93 8.05
C LEU A 380 20.86 14.38 8.38
N ARG A 381 20.69 14.77 9.65
CA ARG A 381 21.08 16.10 10.11
C ARG A 381 21.21 16.18 11.64
N PRO A 382 22.34 15.69 12.17
CA PRO A 382 22.45 15.39 13.60
C PRO A 382 22.22 16.64 14.46
N GLU A 383 22.53 17.82 13.95
CA GLU A 383 22.42 19.07 14.74
C GLU A 383 20.99 19.47 15.08
N VAL A 384 20.02 18.99 14.32
CA VAL A 384 18.61 19.24 14.65
C VAL A 384 17.85 17.97 15.10
N ALA A 385 18.60 16.91 15.44
CA ALA A 385 17.98 15.61 15.66
C ALA A 385 18.10 15.11 17.10
N GLU A 386 17.05 14.44 17.56
CA GLU A 386 17.05 13.68 18.81
C GLU A 386 16.74 12.23 18.46
N GLN A 387 17.30 11.28 19.20
CA GLN A 387 16.97 9.87 18.97
C GLN A 387 16.42 9.29 20.26
N THR A 388 15.36 8.49 20.15
CA THR A 388 14.75 7.76 21.27
C THR A 388 14.51 6.33 20.86
N GLU A 389 14.20 5.43 21.81
CA GLU A 389 13.84 4.07 21.43
CA GLU A 389 13.84 4.06 21.45
C GLU A 389 12.49 3.99 20.74
N THR A 390 11.49 4.62 21.36
CA THR A 390 10.13 4.48 20.88
C THR A 390 9.49 5.80 20.40
N MET A 391 8.43 5.67 19.59
CA MET A 391 7.62 6.83 19.15
C MET A 391 7.03 7.61 20.32
N GLU A 392 6.52 6.90 21.32
CA GLU A 392 5.94 7.59 22.50
C GLU A 392 7.00 8.44 23.19
N GLN A 393 8.20 7.90 23.36
CA GLN A 393 9.29 8.72 23.90
C GLN A 393 9.56 9.97 23.06
N ALA A 394 9.64 9.81 21.75
CA ALA A 394 9.83 10.95 20.82
C ALA A 394 8.74 12.01 21.00
N MET A 395 7.50 11.55 21.14
CA MET A 395 6.34 12.44 21.23
CA MET A 395 6.38 12.48 21.22
C MET A 395 6.40 13.22 22.54
N ARG A 396 6.74 12.52 23.61
CA ARG A 396 6.82 13.19 24.89
C ARG A 396 8.01 14.14 25.00
N LEU A 397 9.08 13.84 24.27
CA LEU A 397 10.23 14.76 24.14
C LEU A 397 9.90 16.02 23.31
N LEU A 398 9.15 15.88 22.22
CA LEU A 398 8.92 17.05 21.34
C LEU A 398 7.80 17.95 21.88
N ALA A 399 6.83 17.38 22.61
CA ALA A 399 5.58 18.14 22.88
C ALA A 399 5.85 19.43 23.66
N PRO A 400 6.76 19.39 24.67
CA PRO A 400 7.06 20.65 25.39
C PRO A 400 7.63 21.76 24.50
N ARG A 401 8.30 21.40 23.40
CA ARG A 401 8.90 22.39 22.52
C ARG A 401 7.92 22.96 21.50
N VAL A 402 6.73 22.38 21.41
CA VAL A 402 5.81 22.81 20.35
C VAL A 402 5.22 24.19 20.67
N GLN A 403 5.21 25.08 19.67
CA GLN A 403 4.73 26.45 19.81
C GLN A 403 3.61 26.72 18.78
N PRO A 404 2.73 27.70 19.08
CA PRO A 404 1.67 28.05 18.11
C PRO A 404 2.31 28.39 16.77
N GLY A 405 1.78 27.82 15.67
CA GLY A 405 2.40 27.99 14.34
C GLY A 405 3.10 26.70 13.91
N ASP A 406 3.37 25.82 14.88
CA ASP A 406 4.17 24.63 14.56
C ASP A 406 3.30 23.55 13.92
N MET A 407 3.98 22.59 13.29
CA MET A 407 3.36 21.33 12.81
C MET A 407 4.11 20.14 13.41
N VAL A 408 3.36 19.16 13.90
CA VAL A 408 3.97 17.88 14.30
C VAL A 408 3.52 16.84 13.27
N LEU A 409 4.50 16.24 12.58
CA LEU A 409 4.26 15.32 11.46
C LEU A 409 4.86 13.95 11.72
N LEU A 410 3.99 12.94 11.83
CA LEU A 410 4.47 11.54 11.79
C LEU A 410 4.49 11.09 10.31
N SER A 411 5.67 11.03 9.69
CA SER A 411 5.78 10.54 8.31
C SER A 411 7.09 9.75 8.25
N PRO A 412 7.07 8.52 8.77
CA PRO A 412 8.28 7.92 9.34
C PRO A 412 9.30 7.39 8.34
N ALA A 413 8.88 7.25 7.08
CA ALA A 413 9.75 6.70 6.03
C ALA A 413 10.15 5.23 6.14
N CYS A 414 9.52 4.49 7.06
CA CYS A 414 9.94 3.14 7.45
C CYS A 414 8.72 2.32 7.76
N ALA A 415 8.88 0.99 7.65
CA ALA A 415 7.84 0.11 8.14
C ALA A 415 7.76 0.18 9.69
N SER A 416 6.60 -0.19 10.21
CA SER A 416 6.35 -0.11 11.65
C SER A 416 6.57 -1.46 12.31
N LEU A 417 6.95 -2.47 11.51
CA LEU A 417 6.83 -3.85 11.95
C LEU A 417 7.84 -4.22 13.06
N ASP A 418 8.83 -3.36 13.30
CA ASP A 418 9.81 -3.69 14.36
C ASP A 418 9.21 -3.48 15.74
N GLN A 419 8.23 -2.57 15.85
CA GLN A 419 7.62 -2.22 17.14
C GLN A 419 6.09 -2.28 17.21
N PHE A 420 5.42 -2.41 16.05
CA PHE A 420 3.97 -2.35 15.98
C PHE A 420 3.48 -3.52 15.13
N LYS A 421 2.20 -3.82 15.23
CA LYS A 421 1.58 -4.87 14.38
C LYS A 421 1.52 -4.44 12.90
N ASN A 422 1.35 -3.14 12.70
CA ASN A 422 1.23 -2.53 11.37
C ASN A 422 1.11 -1.00 11.51
N PHE A 423 1.14 -0.31 10.36
CA PHE A 423 1.20 1.14 10.35
C PHE A 423 -0.09 1.74 10.90
N GLU A 424 -1.19 0.98 10.91
CA GLU A 424 -2.46 1.47 11.46
C GLU A 424 -2.35 1.56 12.99
N GLN A 425 -1.75 0.56 13.62
CA GLN A 425 -1.59 0.63 15.06
C GLN A 425 -0.66 1.82 15.38
N ARG A 426 0.40 1.99 14.57
CA ARG A 426 1.31 3.11 14.80
C ARG A 426 0.58 4.45 14.71
N GLY A 427 -0.23 4.63 13.65
CA GLY A 427 -1.05 5.82 13.52
C GLY A 427 -2.01 6.06 14.67
N ASN A 428 -2.70 5.00 15.08
CA ASN A 428 -3.66 5.12 16.20
C ASN A 428 -2.96 5.55 17.50
N GLU A 429 -1.77 5.02 17.77
CA GLU A 429 -1.01 5.41 18.96
C GLU A 429 -0.58 6.89 18.88
N PHE A 430 -0.11 7.30 17.70
CA PHE A 430 0.20 8.73 17.49
C PHE A 430 -1.00 9.62 17.78
N ALA A 431 -2.16 9.24 17.25
CA ALA A 431 -3.36 10.07 17.40
C ALA A 431 -3.74 10.21 18.87
N ARG A 432 -3.69 9.08 19.59
CA ARG A 432 -3.94 9.06 21.03
C ARG A 432 -2.98 10.00 21.77
N LEU A 433 -1.68 9.92 21.49
CA LEU A 433 -0.70 10.76 22.17
C LEU A 433 -0.88 12.23 21.78
N ALA A 434 -1.20 12.47 20.50
CA ALA A 434 -1.37 13.85 20.05
C ALA A 434 -2.52 14.53 20.80
N LYS A 435 -3.59 13.77 21.01
CA LYS A 435 -4.75 14.32 21.72
C LYS A 435 -4.42 14.56 23.19
N GLU A 436 -3.65 13.63 23.76
CA GLU A 436 -3.15 13.80 25.13
C GLU A 436 -2.26 15.05 25.28
N LEU A 437 -1.29 15.17 24.39
CA LEU A 437 -0.22 16.15 24.51
C LEU A 437 -0.53 17.50 23.92
N GLY A 438 -1.56 17.57 23.07
CA GLY A 438 -1.83 18.76 22.27
C GLY A 438 -2.96 19.63 22.81
N SER A 439 -3.41 19.32 24.03
CA SER A 439 -4.25 20.28 24.77
C SER A 439 -3.96 20.34 26.27
N HIS A 440 -4.49 21.37 26.92
CA HIS A 440 -4.20 21.59 28.34
C HIS A 440 -5.09 20.72 29.23
#